data_4CMO
#
_entry.id   4CMO
#
_cell.length_a   51.509
_cell.length_b   57.557
_cell.length_c   105.288
_cell.angle_alpha   90.00
_cell.angle_beta   90.00
_cell.angle_gamma   90.00
#
_symmetry.space_group_name_H-M   'P 21 21 21'
#
loop_
_entity.id
_entity.type
_entity.pdbx_description
1 polymer 'ALK TYROSINE KINASE RECEPTOR'
2 non-polymer 2-[(1R)-1-{[3-amino-6-(2-methoxypyridin-3-yl)pyrazin-2-yl]oxy}ethyl]-4-fluoro-N-methylbenzamide
3 water water
#
_entity_poly.entity_id   1
_entity_poly.type   'polypeptide(L)'
_entity_poly.pdbx_seq_one_letter_code
;MAHHHHHHNPNYCFAGKTSSISDLKEVPRKNITLIRGLGHGAFGEVYEGQVSGMPNDPSPLQVAVKTLPEVCSEQDELDF
LMEALIISKFNHQNIVRCIGVSLQSLPRFILLELMAGGDLKSFLRETRPRPSQPSSLAMLDLLHVARDIACGCQYLEENH
FIHRDIAARNCLLTCPGPGRVAKIGDFGMARDIYRASYYRKGGCAMLPVKWMPPEAFMEGIFTSKTDTWSFGVLLWEIFS
LGYMPYPSKSNQEVLEFVTSGGRMDPPKNCPGPVYRIMTQCWQHQPEDRPNFAIILERIEYCTQDPDVINTALPIEYGPL
VEEEEKV
;
_entity_poly.pdbx_strand_id   A
#
loop_
_chem_comp.id
_chem_comp.type
_chem_comp.name
_chem_comp.formula
YPW non-polymer 2-[(1R)-1-{[3-amino-6-(2-methoxypyridin-3-yl)pyrazin-2-yl]oxy}ethyl]-4-fluoro-N-methylbenzamide 'C20 H20 F N5 O3'
#
# COMPACT_ATOMS: atom_id res chain seq x y z
N ASN A 9 8.71 -18.52 -20.37
CA ASN A 9 7.86 -17.47 -19.74
C ASN A 9 6.85 -18.07 -18.76
N PRO A 10 6.93 -17.67 -17.48
CA PRO A 10 6.04 -18.14 -16.41
C PRO A 10 4.59 -17.68 -16.59
N ASN A 11 3.65 -18.52 -16.20
CA ASN A 11 2.23 -18.17 -16.21
C ASN A 11 1.83 -17.52 -14.89
N TYR A 12 0.75 -16.74 -14.92
CA TYR A 12 0.20 -16.14 -13.72
C TYR A 12 -1.30 -16.43 -13.62
N CYS A 13 -1.75 -16.82 -12.43
CA CYS A 13 -3.16 -17.09 -12.22
C CYS A 13 -3.75 -16.11 -11.21
N PHE A 14 -4.81 -15.42 -11.61
CA PHE A 14 -5.54 -14.53 -10.71
C PHE A 14 -7.02 -14.68 -10.98
N ALA A 15 -7.79 -14.91 -9.93
CA ALA A 15 -9.24 -15.08 -10.08
C ALA A 15 -9.51 -16.23 -11.04
N GLY A 16 -8.70 -17.28 -10.92
CA GLY A 16 -8.95 -18.49 -11.69
C GLY A 16 -8.72 -18.34 -13.19
N LYS A 17 -8.13 -17.22 -13.59
CA LYS A 17 -7.78 -17.00 -14.98
C LYS A 17 -6.26 -16.96 -15.14
N THR A 18 -5.75 -17.59 -16.19
CA THR A 18 -4.32 -17.69 -16.40
C THR A 18 -3.86 -16.69 -17.45
N SER A 19 -2.72 -16.06 -17.20
CA SER A 19 -2.16 -15.12 -18.15
C SER A 19 -0.66 -15.33 -18.33
N SER A 20 -0.16 -14.85 -19.46
CA SER A 20 1.22 -15.08 -19.86
C SER A 20 1.81 -13.74 -20.28
N ILE A 21 3.13 -13.68 -20.44
CA ILE A 21 3.78 -12.48 -20.92
C ILE A 21 3.15 -11.99 -22.22
N SER A 22 2.61 -12.93 -23.01
CA SER A 22 1.96 -12.57 -24.26
C SER A 22 0.73 -11.70 -24.07
N ASP A 23 0.18 -11.74 -22.86
CA ASP A 23 -1.05 -10.98 -22.57
C ASP A 23 -0.74 -9.53 -22.17
N LEU A 24 0.52 -9.26 -21.86
CA LEU A 24 0.92 -7.91 -21.49
C LEU A 24 0.86 -6.97 -22.70
N LYS A 25 0.33 -5.77 -22.48
CA LYS A 25 0.25 -4.78 -23.54
C LYS A 25 1.62 -4.16 -23.78
N GLU A 26 2.29 -4.59 -24.85
CA GLU A 26 3.59 -4.04 -25.19
C GLU A 26 3.44 -2.70 -25.89
N VAL A 27 4.07 -1.68 -25.33
CA VAL A 27 4.06 -0.35 -25.91
C VAL A 27 5.38 -0.13 -26.66
N PRO A 28 5.32 0.29 -27.93
CA PRO A 28 6.57 0.46 -28.67
C PRO A 28 7.50 1.45 -27.98
N ARG A 29 8.78 1.10 -27.89
CA ARG A 29 9.73 1.88 -27.11
C ARG A 29 9.80 3.32 -27.62
N LYS A 30 9.67 3.50 -28.94
CA LYS A 30 9.73 4.82 -29.55
C LYS A 30 8.64 5.76 -29.03
N ASN A 31 7.55 5.22 -28.52
CA ASN A 31 6.44 6.04 -28.02
C ASN A 31 6.64 6.53 -26.59
N ILE A 32 7.72 6.09 -25.95
CA ILE A 32 7.93 6.34 -24.53
C ILE A 32 9.06 7.35 -24.30
N THR A 33 8.78 8.41 -23.55
CA THR A 33 9.77 9.42 -23.20
C THR A 33 9.91 9.57 -21.69
N LEU A 34 11.14 9.48 -21.19
CA LEU A 34 11.41 9.73 -19.77
C LEU A 34 11.55 11.23 -19.52
N ILE A 35 10.98 11.70 -18.41
CA ILE A 35 10.97 13.12 -18.08
C ILE A 35 11.92 13.44 -16.93
N ARG A 36 11.72 12.77 -15.80
CA ARG A 36 12.53 13.00 -14.61
C ARG A 36 12.53 11.77 -13.73
N GLY A 37 13.52 11.67 -12.84
CA GLY A 37 13.53 10.59 -11.87
C GLY A 37 12.50 10.83 -10.77
N LEU A 38 12.09 9.75 -10.12
CA LEU A 38 11.19 9.85 -8.97
C LEU A 38 11.82 9.14 -7.77
N GLY A 39 12.61 8.10 -8.05
CA GLY A 39 13.28 7.39 -6.98
C GLY A 39 13.98 6.14 -7.47
N HIS A 40 14.93 5.66 -6.67
CA HIS A 40 15.55 4.35 -6.91
C HIS A 40 15.46 3.49 -5.65
N GLY A 41 16.43 3.67 -4.75
CA GLY A 41 16.39 2.97 -3.48
C GLY A 41 16.23 1.47 -3.66
N ALA A 42 15.00 0.98 -3.51
CA ALA A 42 14.70 -0.42 -3.79
C ALA A 42 15.18 -0.78 -5.19
N PHE A 43 15.30 -2.07 -5.46
CA PHE A 43 15.87 -2.53 -6.72
C PHE A 43 15.12 -1.97 -7.92
N GLY A 44 15.77 -1.03 -8.62
CA GLY A 44 15.16 -0.45 -9.81
C GLY A 44 14.78 1.01 -9.63
N GLU A 45 15.06 1.82 -10.65
CA GLU A 45 14.71 3.23 -10.64
C GLU A 45 13.31 3.44 -11.18
N VAL A 46 12.68 4.52 -10.77
CA VAL A 46 11.37 4.88 -11.30
C VAL A 46 11.43 6.30 -11.85
N TYR A 47 10.85 6.51 -13.02
CA TYR A 47 10.86 7.81 -13.68
C TYR A 47 9.45 8.28 -13.97
N GLU A 48 9.28 9.59 -14.09
CA GLU A 48 8.07 10.14 -14.69
C GLU A 48 8.25 10.09 -16.20
N GLY A 49 7.18 9.76 -16.94
CA GLY A 49 7.31 9.59 -18.37
C GLY A 49 6.08 9.96 -19.17
N GLN A 50 6.21 9.94 -20.49
CA GLN A 50 5.10 10.16 -21.42
C GLN A 50 5.02 8.99 -22.40
N VAL A 51 3.80 8.69 -22.84
CA VAL A 51 3.61 7.72 -23.92
C VAL A 51 2.74 8.31 -25.02
N PRO A 60 -1.00 13.52 -24.67
CA PRO A 60 0.08 12.62 -24.26
C PRO A 60 -0.15 12.04 -22.87
N LEU A 61 -0.15 10.71 -22.76
CA LEU A 61 -0.47 10.02 -21.53
C LEU A 61 0.73 10.02 -20.57
N GLN A 62 0.52 10.54 -19.37
CA GLN A 62 1.59 10.62 -18.37
C GLN A 62 1.68 9.34 -17.56
N VAL A 63 2.89 8.88 -17.30
CA VAL A 63 3.11 7.59 -16.67
C VAL A 63 4.23 7.64 -15.63
N ALA A 64 4.23 6.67 -14.72
CA ALA A 64 5.41 6.36 -13.94
C ALA A 64 6.06 5.13 -14.55
N VAL A 65 7.37 5.20 -14.77
CA VAL A 65 8.11 4.16 -15.47
C VAL A 65 9.00 3.42 -14.50
N LYS A 66 8.66 2.17 -14.22
CA LYS A 66 9.50 1.32 -13.39
C LYS A 66 10.47 0.59 -14.31
N THR A 67 11.76 0.64 -13.98
CA THR A 67 12.77 0.09 -14.87
C THR A 67 13.44 -1.13 -14.27
N LEU A 68 13.85 -2.04 -15.12
CA LEU A 68 14.64 -3.21 -14.71
C LEU A 68 16.10 -2.94 -15.04
N PRO A 69 16.98 -2.95 -14.03
CA PRO A 69 18.41 -2.76 -14.33
C PRO A 69 18.89 -3.79 -15.35
N GLU A 70 19.63 -3.32 -16.35
CA GLU A 70 20.17 -4.23 -17.35
C GLU A 70 21.17 -5.17 -16.70
N VAL A 71 21.78 -4.70 -15.62
CA VAL A 71 22.66 -5.54 -14.81
C VAL A 71 21.86 -6.22 -13.71
N CYS A 72 21.21 -7.33 -14.06
CA CYS A 72 20.38 -8.06 -13.12
C CYS A 72 20.53 -9.56 -13.37
N SER A 73 20.05 -10.36 -12.43
CA SER A 73 20.09 -11.81 -12.55
C SER A 73 18.84 -12.34 -13.24
N GLU A 74 18.85 -13.63 -13.57
CA GLU A 74 17.69 -14.28 -14.17
C GLU A 74 16.46 -14.16 -13.28
N GLN A 75 16.66 -14.21 -11.97
CA GLN A 75 15.55 -14.14 -11.03
C GLN A 75 14.98 -12.74 -10.97
N ASP A 76 15.85 -11.73 -11.03
CA ASP A 76 15.41 -10.34 -11.09
C ASP A 76 14.49 -10.15 -12.28
N GLU A 77 14.86 -10.77 -13.40
CA GLU A 77 14.09 -10.71 -14.64
C GLU A 77 12.71 -11.34 -14.46
N LEU A 78 12.68 -12.53 -13.86
CA LEU A 78 11.42 -13.23 -13.64
C LEU A 78 10.54 -12.47 -12.66
N ASP A 79 11.15 -11.91 -11.62
CA ASP A 79 10.43 -11.10 -10.64
C ASP A 79 9.77 -9.90 -11.31
N PHE A 80 10.50 -9.27 -12.21
CA PHE A 80 10.02 -8.08 -12.91
C PHE A 80 8.84 -8.46 -13.79
N LEU A 81 8.99 -9.54 -14.53
CA LEU A 81 7.93 -10.05 -15.38
C LEU A 81 6.69 -10.36 -14.56
N MET A 82 6.87 -10.93 -13.37
CA MET A 82 5.74 -11.33 -12.57
C MET A 82 4.97 -10.14 -11.99
N GLU A 83 5.66 -9.09 -11.57
CA GLU A 83 4.92 -7.95 -11.07
C GLU A 83 4.13 -7.28 -12.20
N ALA A 84 4.66 -7.32 -13.41
CA ALA A 84 3.92 -6.81 -14.57
C ALA A 84 2.61 -7.58 -14.75
N LEU A 85 2.69 -8.90 -14.66
CA LEU A 85 1.50 -9.74 -14.79
C LEU A 85 0.52 -9.45 -13.65
N ILE A 86 1.04 -9.35 -12.43
CA ILE A 86 0.18 -9.13 -11.28
C ILE A 86 -0.62 -7.85 -11.42
N ILE A 87 0.06 -6.75 -11.67
CA ILE A 87 -0.63 -5.46 -11.70
C ILE A 87 -1.57 -5.35 -12.90
N SER A 88 -1.17 -5.88 -14.04
CA SER A 88 -2.00 -5.77 -15.23
C SER A 88 -3.33 -6.52 -15.11
N LYS A 89 -3.37 -7.55 -14.26
CA LYS A 89 -4.58 -8.35 -14.13
C LYS A 89 -5.58 -7.81 -13.11
N PHE A 90 -5.18 -6.86 -12.28
CA PHE A 90 -6.11 -6.19 -11.38
C PHE A 90 -6.97 -5.20 -12.16
N ASN A 91 -8.22 -5.07 -11.74
CA ASN A 91 -9.11 -4.08 -12.29
C ASN A 91 -9.96 -3.45 -11.18
N HIS A 92 -9.43 -2.40 -10.55
CA HIS A 92 -10.14 -1.71 -9.49
C HIS A 92 -9.65 -0.27 -9.32
N GLN A 93 -10.55 0.62 -8.95
CA GLN A 93 -10.23 2.05 -8.89
C GLN A 93 -9.19 2.40 -7.82
N ASN A 94 -9.03 1.53 -6.83
CA ASN A 94 -8.08 1.81 -5.74
C ASN A 94 -6.84 0.94 -5.84
N ILE A 95 -6.57 0.44 -7.04
CA ILE A 95 -5.30 -0.20 -7.34
C ILE A 95 -4.69 0.46 -8.58
N VAL A 96 -3.42 0.84 -8.48
CA VAL A 96 -2.77 1.57 -9.57
C VAL A 96 -2.91 0.81 -10.88
N ARG A 97 -3.27 1.53 -11.95
CA ARG A 97 -3.42 0.90 -13.25
C ARG A 97 -2.06 0.66 -13.89
N CYS A 98 -1.98 -0.37 -14.72
CA CYS A 98 -0.82 -0.57 -15.59
C CYS A 98 -1.22 -0.20 -17.01
N ILE A 99 -0.56 0.82 -17.56
CA ILE A 99 -0.80 1.25 -18.95
C ILE A 99 -0.26 0.22 -19.93
N GLY A 100 0.82 -0.46 -19.53
CA GLY A 100 1.44 -1.47 -20.38
C GLY A 100 2.87 -1.71 -19.96
N VAL A 101 3.64 -2.32 -20.85
CA VAL A 101 5.03 -2.63 -20.59
C VAL A 101 5.86 -2.35 -21.83
N SER A 102 7.17 -2.26 -21.66
CA SER A 102 8.09 -2.29 -22.79
C SER A 102 9.18 -3.30 -22.43
N LEU A 103 8.96 -4.55 -22.81
CA LEU A 103 9.86 -5.63 -22.42
C LEU A 103 10.77 -6.05 -23.57
N GLN A 104 10.51 -5.52 -24.75
CA GLN A 104 11.25 -5.91 -25.95
C GLN A 104 12.42 -4.99 -26.24
N SER A 105 12.70 -4.09 -25.28
CA SER A 105 13.89 -3.25 -25.35
C SER A 105 14.50 -3.12 -23.97
N LEU A 106 15.79 -2.78 -23.92
CA LEU A 106 16.50 -2.66 -22.66
C LEU A 106 16.90 -1.21 -22.41
N PRO A 107 16.78 -0.75 -21.16
CA PRO A 107 16.24 -1.53 -20.04
C PRO A 107 14.73 -1.73 -20.17
N ARG A 108 14.22 -2.82 -19.62
CA ARG A 108 12.79 -3.12 -19.70
C ARG A 108 11.98 -2.19 -18.79
N PHE A 109 10.77 -1.86 -19.23
CA PHE A 109 9.90 -0.93 -18.51
C PHE A 109 8.58 -1.59 -18.11
N ILE A 110 8.08 -1.23 -16.94
CA ILE A 110 6.66 -1.36 -16.65
C ILE A 110 6.08 0.04 -16.53
N LEU A 111 4.96 0.27 -17.23
CA LEU A 111 4.35 1.61 -17.27
C LEU A 111 3.11 1.67 -16.36
N LEU A 112 3.16 2.53 -15.34
CA LEU A 112 2.06 2.65 -14.40
C LEU A 112 1.35 3.99 -14.45
N GLU A 113 0.08 3.99 -14.04
CA GLU A 113 -0.66 5.22 -13.76
C GLU A 113 0.22 6.16 -12.91
N LEU A 114 0.43 7.39 -13.39
CA LEU A 114 1.23 8.36 -12.65
C LEU A 114 0.42 8.95 -11.49
N MET A 115 0.87 8.67 -10.27
CA MET A 115 0.16 9.16 -9.10
C MET A 115 0.87 10.40 -8.56
N ALA A 116 0.37 11.56 -8.96
CA ALA A 116 1.08 12.82 -8.79
C ALA A 116 1.26 13.19 -7.32
N GLY A 117 0.44 12.62 -6.45
CA GLY A 117 0.56 12.91 -5.04
C GLY A 117 1.68 12.15 -4.36
N GLY A 118 2.30 11.22 -5.08
CA GLY A 118 3.37 10.43 -4.51
C GLY A 118 2.87 9.42 -3.49
N ASP A 119 3.78 8.90 -2.66
CA ASP A 119 3.42 7.85 -1.71
C ASP A 119 2.77 8.43 -0.45
N LEU A 120 1.93 7.62 0.18
CA LEU A 120 1.10 8.06 1.30
C LEU A 120 1.93 8.45 2.52
N LYS A 121 2.98 7.69 2.81
CA LYS A 121 3.78 7.96 4.00
C LYS A 121 4.41 9.35 3.91
N SER A 122 5.06 9.62 2.79
CA SER A 122 5.69 10.93 2.57
C SER A 122 4.65 12.04 2.60
N PHE A 123 3.50 11.80 1.99
CA PHE A 123 2.43 12.80 1.97
C PHE A 123 2.01 13.18 3.38
N LEU A 124 1.76 12.18 4.22
CA LEU A 124 1.28 12.44 5.57
C LEU A 124 2.29 13.30 6.34
N ARG A 125 3.57 12.97 6.19
CA ARG A 125 4.62 13.68 6.89
C ARG A 125 4.77 15.10 6.34
N GLU A 126 4.73 15.22 5.02
CA GLU A 126 4.90 16.53 4.38
C GLU A 126 3.68 17.44 4.56
N THR A 127 2.51 16.85 4.80
CA THR A 127 1.27 17.61 4.78
C THR A 127 0.65 17.78 6.16
N ARG A 128 1.40 17.43 7.21
CA ARG A 128 0.93 17.60 8.58
C ARG A 128 0.56 19.05 8.83
N PRO A 129 -0.54 19.29 9.56
CA PRO A 129 -0.87 20.66 9.93
C PRO A 129 0.25 21.35 10.70
N ARG A 130 0.51 22.60 10.34
CA ARG A 130 1.57 23.41 10.92
C ARG A 130 1.02 24.79 11.23
N PRO A 131 1.77 25.61 11.98
CA PRO A 131 1.33 26.99 12.20
C PRO A 131 1.13 27.75 10.88
N SER A 132 2.00 27.46 9.91
CA SER A 132 1.90 28.08 8.58
C SER A 132 0.74 27.48 7.78
N GLN A 133 0.54 26.17 7.93
CA GLN A 133 -0.58 25.48 7.30
C GLN A 133 -1.45 24.85 8.37
N PRO A 134 -2.26 25.67 9.05
CA PRO A 134 -3.07 25.23 10.20
C PRO A 134 -4.16 24.23 9.83
N SER A 135 -4.63 24.31 8.59
CA SER A 135 -5.71 23.46 8.11
C SER A 135 -5.30 22.65 6.88
N SER A 136 -4.08 22.12 6.91
CA SER A 136 -3.56 21.37 5.78
C SER A 136 -4.26 20.01 5.64
N LEU A 137 -4.82 19.53 6.74
CA LEU A 137 -5.42 18.20 6.77
C LEU A 137 -6.48 18.10 7.86
N ALA A 138 -7.58 17.41 7.56
CA ALA A 138 -8.64 17.20 8.54
C ALA A 138 -8.90 15.71 8.73
N MET A 139 -9.69 15.38 9.75
CA MET A 139 -10.02 13.99 10.05
C MET A 139 -10.69 13.32 8.85
N LEU A 140 -11.50 14.09 8.11
CA LEU A 140 -12.20 13.54 6.96
C LEU A 140 -11.23 13.15 5.85
N ASP A 141 -10.15 13.91 5.68
CA ASP A 141 -9.13 13.57 4.68
C ASP A 141 -8.55 12.20 4.97
N LEU A 142 -8.25 11.97 6.24
CA LEU A 142 -7.67 10.70 6.67
C LEU A 142 -8.65 9.56 6.51
N LEU A 143 -9.91 9.80 6.89
CA LEU A 143 -10.95 8.78 6.76
C LEU A 143 -11.19 8.39 5.32
N HIS A 144 -11.10 9.36 4.41
CA HIS A 144 -11.26 9.09 2.99
C HIS A 144 -10.10 8.26 2.43
N VAL A 145 -8.87 8.58 2.84
CA VAL A 145 -7.73 7.74 2.47
C VAL A 145 -7.94 6.32 2.98
N ALA A 146 -8.36 6.18 4.24
CA ALA A 146 -8.54 4.86 4.84
C ALA A 146 -9.60 4.06 4.08
N ARG A 147 -10.71 4.73 3.77
CA ARG A 147 -11.79 4.12 2.99
C ARG A 147 -11.29 3.64 1.64
N ASP A 148 -10.54 4.51 0.94
CA ASP A 148 -10.02 4.20 -0.38
C ASP A 148 -9.18 2.91 -0.35
N ILE A 149 -8.24 2.83 0.59
CA ILE A 149 -7.38 1.65 0.64
C ILE A 149 -8.18 0.42 1.09
N ALA A 150 -9.11 0.61 2.02
CA ALA A 150 -9.95 -0.50 2.45
C ALA A 150 -10.79 -1.04 1.29
N CYS A 151 -11.17 -0.16 0.37
CA CYS A 151 -11.89 -0.59 -0.81
C CYS A 151 -10.99 -1.45 -1.69
N GLY A 152 -9.75 -1.02 -1.87
CA GLY A 152 -8.79 -1.82 -2.61
C GLY A 152 -8.56 -3.16 -1.94
N CYS A 153 -8.47 -3.16 -0.63
CA CYS A 153 -8.23 -4.39 0.12
C CYS A 153 -9.40 -5.34 0.00
N GLN A 154 -10.61 -4.79 -0.02
CA GLN A 154 -11.81 -5.61 -0.11
C GLN A 154 -11.84 -6.32 -1.47
N TYR A 155 -11.42 -5.60 -2.50
CA TYR A 155 -11.31 -6.15 -3.84
C TYR A 155 -10.32 -7.32 -3.86
N LEU A 156 -9.16 -7.15 -3.25
CA LEU A 156 -8.18 -8.22 -3.19
C LEU A 156 -8.74 -9.40 -2.40
N GLU A 157 -9.38 -9.10 -1.27
CA GLU A 157 -9.98 -10.13 -0.43
C GLU A 157 -10.98 -10.95 -1.23
N GLU A 158 -11.91 -10.27 -1.91
CA GLU A 158 -12.97 -11.00 -2.58
C GLU A 158 -12.45 -11.78 -3.80
N ASN A 159 -11.25 -11.45 -4.25
CA ASN A 159 -10.59 -12.20 -5.31
C ASN A 159 -9.49 -13.10 -4.78
N HIS A 160 -9.45 -13.26 -3.46
CA HIS A 160 -8.60 -14.25 -2.81
C HIS A 160 -7.11 -13.98 -2.98
N PHE A 161 -6.76 -12.70 -3.13
CA PHE A 161 -5.37 -12.30 -3.28
C PHE A 161 -4.92 -11.68 -1.96
N ILE A 162 -3.82 -12.20 -1.42
CA ILE A 162 -3.31 -11.71 -0.15
C ILE A 162 -2.12 -10.79 -0.41
N HIS A 163 -2.22 -9.54 0.05
CA HIS A 163 -1.22 -8.55 -0.30
C HIS A 163 0.09 -8.76 0.46
N ARG A 164 -0.02 -9.00 1.76
CA ARG A 164 1.12 -9.33 2.62
C ARG A 164 1.96 -8.14 3.08
N ASP A 165 1.72 -6.95 2.52
CA ASP A 165 2.44 -5.77 3.00
C ASP A 165 1.65 -4.47 2.85
N ILE A 166 0.44 -4.47 3.39
CA ILE A 166 -0.38 -3.26 3.40
C ILE A 166 0.21 -2.25 4.39
N ALA A 167 0.81 -1.19 3.84
CA ALA A 167 1.53 -0.21 4.64
C ALA A 167 1.57 1.11 3.89
N ALA A 168 1.72 2.23 4.61
CA ALA A 168 1.62 3.54 3.98
C ALA A 168 2.60 3.70 2.82
N ARG A 169 3.80 3.13 2.98
CA ARG A 169 4.84 3.26 1.97
C ARG A 169 4.44 2.65 0.62
N ASN A 170 3.44 1.77 0.65
CA ASN A 170 3.02 1.05 -0.55
C ASN A 170 1.74 1.60 -1.16
N CYS A 171 1.28 2.73 -0.63
CA CYS A 171 0.08 3.39 -1.14
C CYS A 171 0.45 4.71 -1.79
N LEU A 172 -0.31 5.08 -2.83
CA LEU A 172 -0.04 6.29 -3.61
C LEU A 172 -1.27 7.18 -3.64
N LEU A 173 -1.06 8.45 -3.96
CA LEU A 173 -2.16 9.42 -4.06
C LEU A 173 -2.21 10.04 -5.46
N THR A 174 -3.41 10.18 -6.00
CA THR A 174 -3.57 10.71 -7.35
C THR A 174 -3.11 12.17 -7.43
N CYS A 175 -3.31 12.91 -6.36
CA CYS A 175 -2.93 14.32 -6.31
C CYS A 175 -2.81 14.80 -4.87
N PRO A 176 -1.96 15.82 -4.64
CA PRO A 176 -1.76 16.41 -3.32
C PRO A 176 -3.05 17.01 -2.73
N GLY A 177 -3.91 17.49 -3.63
CA GLY A 177 -5.07 18.27 -3.20
C GLY A 177 -6.27 17.49 -2.71
N PRO A 178 -7.33 18.20 -2.30
CA PRO A 178 -8.50 17.66 -1.58
C PRO A 178 -9.25 16.53 -2.29
N GLY A 179 -9.19 16.49 -3.61
CA GLY A 179 -9.88 15.45 -4.35
C GLY A 179 -9.04 14.18 -4.49
N ARG A 180 -7.96 14.10 -3.72
CA ARG A 180 -7.02 12.99 -3.87
C ARG A 180 -7.74 11.66 -3.70
N VAL A 181 -7.27 10.66 -4.44
CA VAL A 181 -7.71 9.28 -4.25
C VAL A 181 -6.50 8.40 -3.93
N ALA A 182 -6.64 7.56 -2.91
CA ALA A 182 -5.57 6.67 -2.50
C ALA A 182 -5.72 5.30 -3.17
N LYS A 183 -4.58 4.73 -3.56
CA LYS A 183 -4.57 3.41 -4.20
C LYS A 183 -3.37 2.60 -3.71
N ILE A 184 -3.48 1.29 -3.74
CA ILE A 184 -2.35 0.41 -3.47
C ILE A 184 -1.46 0.40 -4.70
N GLY A 185 -0.17 0.67 -4.51
CA GLY A 185 0.68 0.91 -5.66
C GLY A 185 1.88 -0.02 -5.83
N ASP A 186 2.13 -0.85 -4.82
CA ASP A 186 3.26 -1.78 -4.88
C ASP A 186 2.80 -3.17 -4.46
N PHE A 187 3.27 -4.19 -5.17
CA PHE A 187 2.90 -5.56 -4.88
C PHE A 187 4.13 -6.47 -4.82
N GLY A 188 5.25 -5.91 -4.37
CA GLY A 188 6.51 -6.63 -4.41
C GLY A 188 6.58 -7.81 -3.48
N MET A 189 5.98 -7.69 -2.31
CA MET A 189 5.96 -8.79 -1.35
C MET A 189 5.15 -9.96 -1.89
N ALA A 190 3.96 -9.68 -2.40
CA ALA A 190 3.10 -10.73 -2.95
C ALA A 190 3.80 -11.41 -4.12
N ARG A 191 4.54 -10.63 -4.90
CA ARG A 191 5.25 -11.14 -6.06
C ARG A 191 6.33 -12.13 -5.65
N ASP A 192 7.04 -11.81 -4.57
CA ASP A 192 8.11 -12.67 -4.07
C ASP A 192 7.56 -14.02 -3.61
N ILE A 193 6.43 -14.00 -2.91
CA ILE A 193 5.82 -15.22 -2.42
C ILE A 193 5.29 -16.07 -3.57
N TYR A 194 4.69 -15.42 -4.56
CA TYR A 194 4.20 -16.13 -5.74
C TYR A 194 5.39 -16.73 -6.49
N ARG A 195 6.53 -16.07 -6.40
CA ARG A 195 7.77 -16.50 -7.04
C ARG A 195 7.79 -16.22 -8.54
N GLY A 202 15.72 -12.30 0.03
CA GLY A 202 15.00 -11.81 1.19
C GLY A 202 15.54 -12.39 2.49
N GLY A 203 14.92 -12.00 3.61
CA GLY A 203 15.35 -12.51 4.90
C GLY A 203 14.56 -11.92 6.04
N CYS A 204 14.85 -12.36 7.26
CA CYS A 204 14.14 -11.89 8.44
C CYS A 204 14.14 -10.37 8.55
N ALA A 205 15.32 -9.78 8.34
CA ALA A 205 15.51 -8.35 8.61
C ALA A 205 14.80 -7.46 7.59
N MET A 206 14.31 -8.05 6.52
CA MET A 206 13.59 -7.30 5.49
C MET A 206 12.07 -7.51 5.59
N LEU A 207 11.64 -8.54 6.31
CA LEU A 207 10.22 -8.78 6.50
C LEU A 207 9.56 -7.63 7.22
N PRO A 208 8.36 -7.22 6.77
CA PRO A 208 7.66 -6.09 7.36
C PRO A 208 7.03 -6.44 8.71
N VAL A 209 7.85 -6.90 9.65
CA VAL A 209 7.33 -7.49 10.89
C VAL A 209 6.38 -6.56 11.64
N LYS A 210 6.61 -5.25 11.54
CA LYS A 210 5.77 -4.29 12.27
C LYS A 210 4.36 -4.18 11.70
N TRP A 211 4.13 -4.80 10.54
CA TRP A 211 2.82 -4.82 9.92
C TRP A 211 2.19 -6.22 9.93
N MET A 212 2.84 -7.17 10.61
CA MET A 212 2.42 -8.57 10.53
C MET A 212 1.77 -9.12 11.81
N PRO A 213 0.71 -9.93 11.66
CA PRO A 213 0.03 -10.58 12.79
C PRO A 213 0.86 -11.74 13.34
N PRO A 214 0.53 -12.20 14.56
CA PRO A 214 1.33 -13.25 15.23
C PRO A 214 1.46 -14.55 14.46
N GLU A 215 0.39 -15.00 13.81
CA GLU A 215 0.43 -16.26 13.09
C GLU A 215 1.26 -16.16 11.80
N ALA A 216 1.42 -14.93 11.31
CA ALA A 216 2.19 -14.71 10.09
C ALA A 216 3.69 -14.89 10.33
N PHE A 217 4.23 -14.19 11.32
CA PHE A 217 5.68 -14.28 11.55
C PHE A 217 6.08 -15.50 12.36
N MET A 218 5.12 -16.15 12.99
CA MET A 218 5.41 -17.38 13.73
C MET A 218 5.33 -18.62 12.86
N GLU A 219 4.15 -18.85 12.28
CA GLU A 219 3.88 -20.08 11.52
C GLU A 219 3.97 -19.84 10.01
N GLY A 220 4.19 -18.60 9.61
CA GLY A 220 4.22 -18.29 8.19
C GLY A 220 2.88 -18.58 7.54
N ILE A 221 1.81 -18.51 8.34
CA ILE A 221 0.46 -18.68 7.82
C ILE A 221 -0.12 -17.34 7.38
N PHE A 222 -0.54 -17.26 6.13
CA PHE A 222 -1.16 -16.05 5.62
C PHE A 222 -2.58 -16.35 5.10
N THR A 223 -3.52 -15.48 5.48
CA THR A 223 -4.87 -15.53 4.96
C THR A 223 -5.28 -14.08 4.68
N SER A 224 -6.53 -13.87 4.30
CA SER A 224 -7.04 -12.51 4.10
C SER A 224 -7.03 -11.73 5.41
N LYS A 225 -7.08 -12.47 6.52
CA LYS A 225 -7.04 -11.84 7.84
C LYS A 225 -5.65 -11.31 8.17
N THR A 226 -4.66 -11.72 7.39
CA THR A 226 -3.33 -11.13 7.51
C THR A 226 -3.43 -9.65 7.11
N ASP A 227 -4.07 -9.40 5.97
CA ASP A 227 -4.20 -8.03 5.47
C ASP A 227 -5.05 -7.18 6.40
N THR A 228 -6.03 -7.78 7.08
CA THR A 228 -6.81 -7.04 8.07
C THR A 228 -5.91 -6.49 9.17
N TRP A 229 -5.03 -7.34 9.70
CA TRP A 229 -4.10 -6.89 10.74
C TRP A 229 -3.24 -5.76 10.20
N SER A 230 -2.66 -5.96 9.02
CA SER A 230 -1.83 -4.93 8.42
C SER A 230 -2.61 -3.64 8.22
N PHE A 231 -3.86 -3.74 7.80
CA PHE A 231 -4.66 -2.53 7.59
C PHE A 231 -4.82 -1.74 8.88
N GLY A 232 -5.00 -2.44 10.00
CA GLY A 232 -5.00 -1.79 11.30
C GLY A 232 -3.76 -0.93 11.52
N VAL A 233 -2.59 -1.46 11.16
CA VAL A 233 -1.34 -0.75 11.34
C VAL A 233 -1.29 0.45 10.39
N LEU A 234 -1.72 0.25 9.15
CA LEU A 234 -1.83 1.36 8.20
C LEU A 234 -2.73 2.46 8.78
N LEU A 235 -3.85 2.07 9.37
CA LEU A 235 -4.77 3.04 9.95
C LEU A 235 -4.05 3.87 11.01
N TRP A 236 -3.21 3.21 11.80
CA TRP A 236 -2.43 3.91 12.81
C TRP A 236 -1.44 4.86 12.14
N GLU A 237 -0.80 4.40 11.07
CA GLU A 237 0.10 5.26 10.32
C GLU A 237 -0.62 6.51 9.84
N ILE A 238 -1.82 6.32 9.32
CA ILE A 238 -2.59 7.41 8.74
C ILE A 238 -2.96 8.43 9.81
N PHE A 239 -3.52 7.96 10.92
CA PHE A 239 -3.98 8.89 11.93
C PHE A 239 -2.88 9.45 12.83
N SER A 240 -1.71 8.81 12.81
CA SER A 240 -0.52 9.38 13.46
C SER A 240 0.13 10.42 12.56
N LEU A 241 -0.38 10.53 11.33
CA LEU A 241 0.21 11.39 10.31
C LEU A 241 1.63 10.96 9.91
N GLY A 242 1.84 9.66 9.75
CA GLY A 242 3.04 9.19 9.09
C GLY A 242 4.18 8.77 9.99
N TYR A 243 3.90 8.56 11.28
CA TYR A 243 4.90 8.03 12.18
C TYR A 243 5.19 6.56 11.90
N MET A 244 6.41 6.14 12.19
CA MET A 244 6.77 4.72 12.18
C MET A 244 6.01 4.01 13.30
N PRO A 245 5.37 2.87 12.99
CA PRO A 245 4.66 2.08 14.01
C PRO A 245 5.54 1.61 15.17
N TYR A 246 4.93 1.45 16.33
CA TYR A 246 5.61 1.01 17.54
C TYR A 246 6.81 1.89 17.85
N PRO A 247 6.57 3.18 18.12
CA PRO A 247 7.65 4.14 18.35
C PRO A 247 8.69 3.60 19.33
N SER A 248 9.96 3.65 18.90
CA SER A 248 11.12 3.33 19.72
C SER A 248 11.40 1.84 19.79
N LYS A 249 10.52 1.02 19.25
CA LYS A 249 10.70 -0.44 19.28
C LYS A 249 11.37 -0.98 18.03
N SER A 250 12.30 -1.90 18.22
CA SER A 250 12.92 -2.60 17.11
C SER A 250 11.99 -3.71 16.61
N ASN A 251 12.36 -4.33 15.50
CA ASN A 251 11.57 -5.42 14.94
C ASN A 251 11.35 -6.54 15.96
N GLN A 252 12.40 -6.98 16.63
CA GLN A 252 12.29 -8.10 17.55
C GLN A 252 11.51 -7.69 18.80
N GLU A 253 11.64 -6.43 19.20
CA GLU A 253 10.88 -5.95 20.35
C GLU A 253 9.39 -5.92 20.00
N VAL A 254 9.08 -5.52 18.77
CA VAL A 254 7.70 -5.54 18.33
C VAL A 254 7.18 -6.96 18.29
N LEU A 255 7.97 -7.85 17.70
CA LEU A 255 7.56 -9.25 17.59
C LEU A 255 7.16 -9.78 18.98
N GLU A 256 8.01 -9.55 19.98
CA GLU A 256 7.74 -10.06 21.32
C GLU A 256 6.58 -9.33 21.99
N PHE A 257 6.49 -8.02 21.76
CA PHE A 257 5.41 -7.19 22.28
C PHE A 257 4.05 -7.66 21.76
N VAL A 258 3.93 -7.80 20.45
CA VAL A 258 2.68 -8.20 19.82
C VAL A 258 2.31 -9.64 20.16
N THR A 259 3.30 -10.52 20.24
CA THR A 259 3.06 -11.92 20.55
C THR A 259 2.56 -12.08 21.99
N SER A 260 2.94 -11.14 22.85
CA SER A 260 2.52 -11.15 24.25
C SER A 260 1.20 -10.43 24.48
N GLY A 261 0.60 -9.93 23.40
CA GLY A 261 -0.69 -9.27 23.51
C GLY A 261 -0.60 -7.75 23.47
N GLY A 262 0.61 -7.23 23.35
CA GLY A 262 0.78 -5.78 23.34
C GLY A 262 0.26 -5.13 22.08
N ARG A 263 -0.33 -3.95 22.21
CA ARG A 263 -0.85 -3.21 21.07
C ARG A 263 -0.46 -1.74 21.16
N MET A 264 -0.38 -1.06 20.01
CA MET A 264 -0.09 0.37 20.00
C MET A 264 -1.17 1.19 20.70
N ASP A 265 -0.74 2.27 21.35
CA ASP A 265 -1.65 3.27 21.88
C ASP A 265 -2.32 4.01 20.73
N PRO A 266 -3.39 4.75 21.02
CA PRO A 266 -3.99 5.61 19.99
C PRO A 266 -2.99 6.67 19.54
N PRO A 267 -2.98 6.99 18.23
CA PRO A 267 -2.24 8.17 17.76
C PRO A 267 -2.77 9.41 18.46
N LYS A 268 -1.95 10.46 18.50
CA LYS A 268 -2.35 11.71 19.14
C LYS A 268 -3.64 12.26 18.57
N ASN A 269 -4.61 12.53 19.45
CA ASN A 269 -5.90 13.11 19.09
C ASN A 269 -6.84 12.16 18.34
N CYS A 270 -6.47 10.89 18.27
CA CYS A 270 -7.27 9.93 17.51
C CYS A 270 -8.64 9.72 18.18
N PRO A 271 -9.73 9.88 17.41
CA PRO A 271 -11.06 9.59 17.94
C PRO A 271 -11.19 8.13 18.38
N GLY A 272 -11.91 7.92 19.49
CA GLY A 272 -12.11 6.57 20.00
C GLY A 272 -12.68 5.59 19.00
N PRO A 273 -13.71 5.99 18.23
CA PRO A 273 -14.30 5.09 17.22
C PRO A 273 -13.28 4.62 16.19
N VAL A 274 -12.32 5.48 15.86
CA VAL A 274 -11.27 5.13 14.90
C VAL A 274 -10.26 4.20 15.54
N TYR A 275 -9.85 4.51 16.77
CA TYR A 275 -8.94 3.61 17.48
C TYR A 275 -9.57 2.22 17.63
N ARG A 276 -10.87 2.17 17.83
CA ARG A 276 -11.54 0.89 18.04
C ARG A 276 -11.47 0.02 16.78
N ILE A 277 -11.47 0.66 15.61
CA ILE A 277 -11.28 -0.11 14.39
C ILE A 277 -9.89 -0.74 14.39
N MET A 278 -8.88 0.03 14.80
CA MET A 278 -7.54 -0.51 14.89
C MET A 278 -7.48 -1.73 15.82
N THR A 279 -8.05 -1.61 17.01
CA THR A 279 -7.94 -2.67 17.99
C THR A 279 -8.69 -3.93 17.56
N GLN A 280 -9.72 -3.76 16.73
CA GLN A 280 -10.42 -4.91 16.19
C GLN A 280 -9.63 -5.60 15.07
N CYS A 281 -8.91 -4.81 14.27
CA CYS A 281 -8.01 -5.37 13.27
C CYS A 281 -6.86 -6.17 13.90
N TRP A 282 -6.51 -5.83 15.14
CA TRP A 282 -5.40 -6.47 15.83
C TRP A 282 -5.83 -7.57 16.80
N GLN A 283 -7.01 -8.14 16.61
CA GLN A 283 -7.41 -9.27 17.45
C GLN A 283 -6.45 -10.44 17.24
N HIS A 284 -6.03 -11.09 18.32
CA HIS A 284 -5.05 -12.15 18.22
C HIS A 284 -5.51 -13.28 17.29
N GLN A 285 -6.75 -13.72 17.47
CA GLN A 285 -7.29 -14.77 16.61
C GLN A 285 -7.79 -14.17 15.31
N PRO A 286 -7.27 -14.66 14.17
CA PRO A 286 -7.71 -14.10 12.89
C PRO A 286 -9.22 -14.16 12.66
N GLU A 287 -9.89 -15.17 13.23
CA GLU A 287 -11.33 -15.27 13.09
C GLU A 287 -12.07 -14.16 13.82
N ASP A 288 -11.42 -13.55 14.81
CA ASP A 288 -12.03 -12.45 15.56
C ASP A 288 -11.84 -11.09 14.88
N ARG A 289 -11.02 -11.05 13.83
CA ARG A 289 -10.77 -9.79 13.15
C ARG A 289 -11.80 -9.62 12.03
N PRO A 290 -12.23 -8.36 11.78
CA PRO A 290 -13.27 -8.09 10.78
C PRO A 290 -12.74 -8.33 9.36
N ASN A 291 -13.61 -8.73 8.44
CA ASN A 291 -13.25 -8.70 7.02
C ASN A 291 -13.38 -7.26 6.55
N PHE A 292 -13.05 -6.98 5.29
CA PHE A 292 -13.01 -5.59 4.88
C PHE A 292 -14.38 -4.96 4.63
N ALA A 293 -15.38 -5.79 4.39
CA ALA A 293 -16.75 -5.27 4.29
C ALA A 293 -17.13 -4.59 5.60
N ILE A 294 -16.81 -5.25 6.71
CA ILE A 294 -17.10 -4.71 8.03
C ILE A 294 -16.22 -3.50 8.33
N ILE A 295 -14.94 -3.59 7.99
CA ILE A 295 -14.06 -2.44 8.16
C ILE A 295 -14.60 -1.20 7.44
N LEU A 296 -15.03 -1.37 6.18
CA LEU A 296 -15.58 -0.25 5.43
C LEU A 296 -16.84 0.29 6.09
N GLU A 297 -17.67 -0.61 6.61
CA GLU A 297 -18.87 -0.18 7.34
C GLU A 297 -18.49 0.72 8.49
N ARG A 298 -17.47 0.33 9.24
CA ARG A 298 -17.05 1.06 10.43
C ARG A 298 -16.39 2.39 10.08
N ILE A 299 -15.64 2.42 8.98
CA ILE A 299 -15.04 3.65 8.51
C ILE A 299 -16.15 4.63 8.08
N GLU A 300 -17.14 4.11 7.37
CA GLU A 300 -18.29 4.91 6.99
C GLU A 300 -19.01 5.53 8.19
N TYR A 301 -19.23 4.72 9.23
CA TYR A 301 -19.89 5.20 10.43
C TYR A 301 -19.09 6.31 11.09
N CYS A 302 -17.76 6.15 11.12
CA CYS A 302 -16.88 7.21 11.63
C CYS A 302 -17.02 8.51 10.85
N THR A 303 -17.16 8.41 9.53
CA THR A 303 -17.23 9.61 8.69
C THR A 303 -18.55 10.35 8.87
N GLN A 304 -19.57 9.64 9.35
CA GLN A 304 -20.87 10.25 9.61
C GLN A 304 -20.94 10.92 10.98
N ASP A 305 -20.04 10.52 11.87
CA ASP A 305 -20.09 10.94 13.26
C ASP A 305 -19.45 12.31 13.46
N PRO A 306 -20.27 13.34 13.77
CA PRO A 306 -19.73 14.68 13.92
C PRO A 306 -18.60 14.77 14.95
N ASP A 307 -18.70 14.00 16.02
CA ASP A 307 -17.69 14.04 17.08
C ASP A 307 -16.34 13.52 16.59
N VAL A 308 -16.37 12.64 15.59
CA VAL A 308 -15.13 12.15 15.00
C VAL A 308 -14.54 13.20 14.06
N ILE A 309 -15.31 13.59 13.06
CA ILE A 309 -14.75 14.41 12.01
C ILE A 309 -14.54 15.86 12.43
N ASN A 310 -15.16 16.27 13.55
CA ASN A 310 -14.92 17.61 14.08
C ASN A 310 -13.72 17.67 15.03
N THR A 311 -13.09 16.52 15.27
CA THR A 311 -11.89 16.49 16.08
C THR A 311 -10.72 17.08 15.30
N ALA A 312 -10.01 18.02 15.92
CA ALA A 312 -8.87 18.66 15.27
C ALA A 312 -7.61 17.79 15.36
N LEU A 313 -6.89 17.71 14.25
CA LEU A 313 -5.60 17.05 14.23
C LEU A 313 -4.57 17.92 14.95
N PRO A 314 -3.56 17.27 15.55
CA PRO A 314 -2.51 18.03 16.23
C PRO A 314 -1.78 18.94 15.26
N ILE A 315 -1.38 20.12 15.73
CA ILE A 315 -0.60 21.03 14.92
C ILE A 315 0.86 20.94 15.36
N GLU A 316 1.71 20.53 14.43
CA GLU A 316 3.12 20.29 14.73
C GLU A 316 3.89 21.61 14.71
N TYR A 317 4.63 21.89 15.77
CA TYR A 317 5.42 23.11 15.83
C TYR A 317 6.81 22.85 15.28
N GLY A 318 7.46 23.81 14.83
C1 YPW B . 4.62 5.34 -8.69
C2 YPW B . 3.48 5.68 -9.46
N3 YPW B . 3.03 6.98 -9.44
C4 YPW B . 3.70 7.91 -8.69
C5 YPW B . 4.84 7.59 -7.92
N6 YPW B . 5.29 6.28 -7.95
N7 YPW B . 2.80 4.72 -10.22
O8 YPW B . 5.03 4.01 -8.74
C9 YPW B . 6.21 3.61 -8.00
C10 YPW B . 5.97 3.44 -6.49
C11 YPW B . 6.93 3.88 -5.48
C12 YPW B . 6.64 3.68 -4.08
C13 YPW B . 5.42 3.07 -3.67
C14 YPW B . 4.50 2.64 -4.65
C15 YPW B . 4.75 2.82 -6.03
F16 YPW B . 3.35 2.06 -4.27
C17 YPW B . 5.60 8.55 -7.07
C18 YPW B . 5.72 9.97 -7.27
N19 YPW B . 6.45 10.80 -6.41
C20 YPW B . 7.08 10.25 -5.34
C21 YPW B . 7.04 8.89 -5.04
C22 YPW B . 6.29 8.06 -5.91
O23 YPW B . 5.08 10.55 -8.36
C24 YPW B . 5.21 11.96 -8.53
C25 YPW B . 8.24 4.54 -5.80
N26 YPW B . 8.58 5.65 -5.04
O27 YPW B . 8.94 4.05 -6.70
C28 YPW B . 9.82 6.38 -5.23
C29 YPW B . 6.67 2.30 -8.64
#